data_5DTM
#
_entry.id   5DTM
#
_cell.length_a   158.559
_cell.length_b   158.559
_cell.length_c   73.396
_cell.angle_alpha   90.00
_cell.angle_beta   90.00
_cell.angle_gamma   120.00
#
_symmetry.space_group_name_H-M   'P 63'
#
loop_
_entity.id
_entity.type
_entity.pdbx_description
1 polymer 'Histone-lysine N-methyltransferase, H3 lysine-79 specific'
2 non-polymer 4-(2,6-dichlorobenzoyl)-N-methyl-1H-pyrrole-2-carboxamide
3 water water
#
_entity_poly.entity_id   1
_entity_poly.type   'polypeptide(L)'
_entity_poly.pdbx_seq_one_letter_code
;GPGEKLELRLKSPVGAEPAVYPWPLPVYDKHHDAAHEIIETIRWVCEEIPDLKLAMENYVLIDYDTKSFESMQRLCDKYN
RAIDSIHQLWKGTTQPMKLNTRPSTGLLRHILQQVYNHSVTDPEKLNNYEPFSPEVYGETSFDLVAQMIDEIKMTDDDLF
VDLGSGVGQVVLQVAAATNCKHHYGVEKADIPAKYAETMDREFRKWMKWYGKKHAEYTLERGDFLSEEWRERIANTSVIF
VNNFAFGPEVDHQLKERFANMKEGGRIVSSKPFAPLNFRINSRNLSDIGTIMRVVELSPLKGSVSWTGKPVSYYLHTIDR
TILENYFSSLKNPG
;
_entity_poly.pdbx_strand_id   A,B
#
# COMPACT_ATOMS: atom_id res chain seq x y z
N LEU A 6 -13.47 -1.02 -32.41
CA LEU A 6 -12.96 0.04 -31.54
C LEU A 6 -11.91 -0.47 -30.55
N GLU A 7 -10.76 0.23 -30.48
CA GLU A 7 -9.63 -0.13 -29.62
C GLU A 7 -8.72 1.05 -29.32
N LEU A 8 -7.83 0.87 -28.33
CA LEU A 8 -6.83 1.85 -27.92
C LEU A 8 -5.45 1.18 -28.02
N ARG A 9 -4.48 1.89 -28.58
CA ARG A 9 -3.14 1.35 -28.75
C ARG A 9 -2.09 2.21 -28.05
N LEU A 10 -1.11 1.57 -27.40
CA LEU A 10 0.02 2.24 -26.76
C LEU A 10 1.31 1.73 -27.38
N LYS A 11 2.07 2.62 -28.03
CA LYS A 11 3.35 2.28 -28.63
C LYS A 11 4.35 1.99 -27.53
N SER A 12 5.19 0.97 -27.76
CA SER A 12 6.24 0.59 -26.83
C SER A 12 7.36 1.63 -26.85
N PRO A 13 7.92 2.04 -25.68
CA PRO A 13 9.07 2.96 -25.71
C PRO A 13 10.35 2.38 -26.33
N VAL A 14 10.42 1.05 -26.53
CA VAL A 14 11.59 0.38 -27.12
C VAL A 14 11.30 -0.27 -28.48
N GLY A 15 10.16 0.05 -29.09
CA GLY A 15 9.83 -0.46 -30.41
C GLY A 15 9.30 -1.88 -30.44
N ALA A 16 8.87 -2.43 -29.28
CA ALA A 16 8.22 -3.74 -29.24
C ALA A 16 6.80 -3.57 -29.86
N GLU A 17 6.03 -4.67 -30.00
CA GLU A 17 4.68 -4.62 -30.54
C GLU A 17 3.80 -3.73 -29.63
N PRO A 18 2.88 -2.92 -30.17
CA PRO A 18 2.08 -2.05 -29.29
C PRO A 18 1.15 -2.80 -28.34
N ALA A 19 0.80 -2.19 -27.19
CA ALA A 19 -0.18 -2.76 -26.26
C ALA A 19 -1.55 -2.39 -26.88
N VAL A 20 -2.42 -3.39 -27.08
CA VAL A 20 -3.73 -3.17 -27.72
C VAL A 20 -4.84 -3.49 -26.73
N TYR A 21 -5.71 -2.51 -26.45
CA TYR A 21 -6.83 -2.69 -25.53
C TYR A 21 -8.15 -2.56 -26.27
N PRO A 22 -9.15 -3.43 -25.98
CA PRO A 22 -10.47 -3.27 -26.66
C PRO A 22 -11.30 -2.18 -25.98
N TRP A 23 -12.31 -1.65 -26.71
CA TRP A 23 -13.24 -0.66 -26.18
C TRP A 23 -14.69 -1.23 -26.32
N PRO A 24 -15.54 -1.26 -25.25
CA PRO A 24 -15.31 -0.79 -23.86
C PRO A 24 -14.13 -1.46 -23.16
N LEU A 25 -13.35 -0.66 -22.43
CA LEU A 25 -12.18 -1.12 -21.69
C LEU A 25 -12.54 -2.11 -20.59
N PRO A 26 -11.71 -3.17 -20.40
CA PRO A 26 -11.97 -4.11 -19.29
C PRO A 26 -11.98 -3.45 -17.91
N VAL A 27 -12.84 -3.97 -17.04
CA VAL A 27 -12.99 -3.54 -15.66
C VAL A 27 -12.38 -4.65 -14.81
N TYR A 28 -11.51 -4.28 -13.86
CA TYR A 28 -10.82 -5.24 -13.01
C TYR A 28 -11.59 -5.51 -11.71
N ASP A 29 -12.15 -4.45 -11.11
CA ASP A 29 -12.99 -4.48 -9.90
C ASP A 29 -13.78 -3.18 -9.84
N LYS A 30 -14.59 -2.99 -8.79
CA LYS A 30 -15.47 -1.82 -8.60
C LYS A 30 -14.75 -0.43 -8.71
N HIS A 31 -13.46 -0.37 -8.36
CA HIS A 31 -12.73 0.91 -8.35
C HIS A 31 -11.49 0.95 -9.25
N HIS A 32 -11.22 -0.13 -10.00
CA HIS A 32 -10.05 -0.27 -10.87
C HIS A 32 -10.41 -0.79 -12.26
N ASP A 33 -9.87 -0.15 -13.30
CA ASP A 33 -10.10 -0.55 -14.68
C ASP A 33 -8.86 -0.34 -15.56
N ALA A 34 -8.94 -0.78 -16.83
CA ALA A 34 -7.85 -0.67 -17.79
C ALA A 34 -7.56 0.78 -18.22
N ALA A 35 -8.51 1.72 -17.98
CA ALA A 35 -8.29 3.14 -18.31
C ALA A 35 -7.28 3.74 -17.33
N HIS A 36 -7.41 3.43 -16.02
CA HIS A 36 -6.46 3.88 -15.00
C HIS A 36 -5.09 3.24 -15.28
N GLU A 37 -5.08 1.99 -15.74
CA GLU A 37 -3.85 1.28 -16.10
C GLU A 37 -3.15 1.99 -17.26
N ILE A 38 -3.90 2.43 -18.29
CA ILE A 38 -3.38 3.16 -19.44
C ILE A 38 -2.73 4.47 -18.99
N ILE A 39 -3.43 5.25 -18.14
CA ILE A 39 -2.94 6.53 -17.63
C ILE A 39 -1.64 6.36 -16.84
N GLU A 40 -1.63 5.37 -15.94
CA GLU A 40 -0.48 5.07 -15.10
C GLU A 40 0.72 4.53 -15.91
N THR A 41 0.46 3.72 -16.94
CA THR A 41 1.51 3.20 -17.85
C THR A 41 2.17 4.39 -18.55
N ILE A 42 1.36 5.31 -19.11
CA ILE A 42 1.88 6.51 -19.78
C ILE A 42 2.74 7.33 -18.81
N ARG A 43 2.23 7.57 -17.60
CA ARG A 43 2.95 8.34 -16.59
C ARG A 43 4.28 7.68 -16.21
N TRP A 44 4.30 6.35 -16.06
CA TRP A 44 5.52 5.64 -15.72
C TRP A 44 6.60 5.73 -16.82
N VAL A 45 6.20 5.58 -18.08
CA VAL A 45 7.11 5.69 -19.22
C VAL A 45 7.69 7.13 -19.35
N CYS A 46 6.86 8.18 -19.05
CA CYS A 46 7.25 9.59 -19.10
C CYS A 46 8.22 9.94 -17.97
N GLU A 47 7.97 9.41 -16.77
CA GLU A 47 8.80 9.69 -15.60
C GLU A 47 10.20 9.10 -15.74
N GLU A 48 10.31 7.99 -16.42
CA GLU A 48 11.58 7.32 -16.56
C GLU A 48 12.29 7.58 -17.88
N ILE A 49 11.62 8.27 -18.84
CA ILE A 49 12.24 8.70 -20.09
C ILE A 49 12.12 10.23 -20.15
N PRO A 50 13.15 10.96 -19.63
CA PRO A 50 13.11 12.43 -19.59
C PRO A 50 12.75 13.12 -20.92
N ASP A 51 13.35 12.65 -22.04
CA ASP A 51 13.05 13.25 -23.37
C ASP A 51 11.57 13.11 -23.70
N LEU A 52 10.94 11.99 -23.28
CA LEU A 52 9.52 11.75 -23.52
C LEU A 52 8.66 12.73 -22.76
N LYS A 53 9.02 13.02 -21.50
CA LYS A 53 8.33 13.98 -20.65
C LYS A 53 8.38 15.35 -21.30
N LEU A 54 9.56 15.73 -21.87
CA LEU A 54 9.75 16.98 -22.61
C LEU A 54 8.87 17.05 -23.85
N ALA A 55 8.83 15.96 -24.66
CA ALA A 55 8.04 15.92 -25.90
C ALA A 55 6.53 15.87 -25.67
N MET A 56 6.09 15.07 -24.66
CA MET A 56 4.70 14.86 -24.30
C MET A 56 3.99 16.17 -23.93
N GLU A 57 2.77 16.38 -24.44
CA GLU A 57 1.94 17.52 -24.05
C GLU A 57 1.19 17.07 -22.77
N ASN A 58 1.90 17.11 -21.63
CA ASN A 58 1.50 16.66 -20.29
C ASN A 58 0.07 17.05 -19.82
N TYR A 59 -0.47 18.20 -20.29
CA TYR A 59 -1.82 18.69 -19.98
C TYR A 59 -2.93 17.65 -20.24
N VAL A 60 -2.73 16.74 -21.23
CA VAL A 60 -3.68 15.68 -21.57
C VAL A 60 -3.77 14.60 -20.45
N LEU A 61 -2.76 14.53 -19.56
CA LEU A 61 -2.74 13.60 -18.44
C LEU A 61 -3.45 14.19 -17.20
N ILE A 62 -3.82 15.47 -17.28
CA ILE A 62 -4.51 16.23 -16.22
C ILE A 62 -6.02 16.17 -16.46
N ASP A 63 -6.46 16.64 -17.64
CA ASP A 63 -7.85 16.69 -18.05
C ASP A 63 -8.18 15.53 -19.01
N TYR A 64 -8.90 14.51 -18.49
CA TYR A 64 -9.32 13.33 -19.27
C TYR A 64 -10.65 12.78 -18.75
N ASP A 65 -11.34 11.99 -19.59
CA ASP A 65 -12.59 11.32 -19.24
C ASP A 65 -12.43 9.84 -19.63
N THR A 66 -12.24 8.98 -18.61
CA THR A 66 -12.05 7.53 -18.80
C THR A 66 -13.27 6.83 -19.44
N LYS A 67 -14.44 7.47 -19.41
CA LYS A 67 -15.68 6.94 -19.97
C LYS A 67 -15.95 7.45 -21.38
N SER A 68 -15.03 8.24 -21.94
CA SER A 68 -15.19 8.78 -23.29
C SER A 68 -14.14 8.18 -24.22
N PHE A 69 -14.59 7.51 -25.30
CA PHE A 69 -13.66 6.90 -26.25
C PHE A 69 -12.74 7.95 -26.88
N GLU A 70 -13.31 9.09 -27.28
CA GLU A 70 -12.57 10.20 -27.90
C GLU A 70 -11.53 10.80 -26.96
N SER A 71 -11.88 10.98 -25.69
CA SER A 71 -10.95 11.53 -24.68
C SER A 71 -9.75 10.58 -24.45
N MET A 72 -10.04 9.27 -24.31
CA MET A 72 -9.02 8.24 -24.09
C MET A 72 -8.14 8.04 -25.32
N GLN A 73 -8.74 8.09 -26.52
CA GLN A 73 -8.02 7.98 -27.78
C GLN A 73 -7.08 9.18 -27.98
N ARG A 74 -7.52 10.40 -27.61
CA ARG A 74 -6.69 11.62 -27.72
C ARG A 74 -5.47 11.48 -26.82
N LEU A 75 -5.69 11.01 -25.57
CA LEU A 75 -4.64 10.77 -24.60
C LEU A 75 -3.61 9.75 -25.15
N CYS A 76 -4.08 8.62 -25.69
CA CYS A 76 -3.21 7.58 -26.26
C CYS A 76 -2.45 8.09 -27.48
N ASP A 77 -3.12 8.89 -28.32
CA ASP A 77 -2.54 9.49 -29.51
C ASP A 77 -1.40 10.48 -29.17
N LYS A 78 -1.61 11.34 -28.14
CA LYS A 78 -0.64 12.31 -27.64
C LYS A 78 0.63 11.59 -27.16
N TYR A 79 0.45 10.47 -26.44
CA TYR A 79 1.55 9.64 -25.98
C TYR A 79 2.25 8.99 -27.17
N ASN A 80 1.49 8.41 -28.11
CA ASN A 80 2.06 7.73 -29.29
C ASN A 80 2.85 8.67 -30.19
N ARG A 81 2.41 9.95 -30.29
CA ARG A 81 3.10 10.98 -31.08
C ARG A 81 4.43 11.39 -30.43
N ALA A 82 4.45 11.47 -29.08
CA ALA A 82 5.63 11.82 -28.30
C ALA A 82 6.69 10.68 -28.36
N ILE A 83 6.23 9.41 -28.36
CA ILE A 83 7.07 8.21 -28.54
C ILE A 83 7.72 8.30 -29.93
N ASP A 84 6.92 8.58 -30.97
CA ASP A 84 7.40 8.75 -32.36
C ASP A 84 8.45 9.86 -32.48
N SER A 85 8.25 11.02 -31.78
CA SER A 85 9.21 12.14 -31.79
C SER A 85 10.53 11.73 -31.16
N ILE A 86 10.47 10.93 -30.08
CA ILE A 86 11.62 10.43 -29.32
C ILE A 86 12.36 9.39 -30.13
N HIS A 87 11.64 8.52 -30.85
CA HIS A 87 12.28 7.54 -31.73
C HIS A 87 12.97 8.23 -32.89
N GLN A 88 12.42 9.38 -33.36
CA GLN A 88 13.05 10.17 -34.42
C GLN A 88 14.35 10.83 -33.92
N LEU A 89 14.32 11.37 -32.68
CA LEU A 89 15.44 12.02 -31.99
C LEU A 89 16.60 11.02 -31.78
N TRP A 90 16.26 9.79 -31.36
CA TRP A 90 17.22 8.72 -31.10
C TRP A 90 17.81 8.15 -32.37
N LYS A 91 17.07 8.27 -33.50
CA LYS A 91 17.47 7.82 -34.83
C LYS A 91 18.59 8.77 -35.28
N GLY A 92 18.30 10.08 -35.35
CA GLY A 92 19.26 11.11 -35.73
C GLY A 92 20.42 11.30 -34.79
N ASN A 100 18.97 -2.51 -21.89
CA ASN A 100 18.01 -3.21 -21.05
C ASN A 100 18.49 -3.29 -19.58
N THR A 101 17.76 -2.62 -18.69
CA THR A 101 18.06 -2.56 -17.25
C THR A 101 16.93 -3.23 -16.46
N ARG A 102 17.13 -3.34 -15.15
CA ARG A 102 16.11 -3.88 -14.27
C ARG A 102 15.08 -2.78 -14.01
N PRO A 103 13.80 -3.12 -13.83
CA PRO A 103 12.82 -2.07 -13.52
C PRO A 103 13.08 -1.48 -12.12
N SER A 104 12.73 -0.20 -11.95
CA SER A 104 12.78 0.43 -10.63
C SER A 104 11.69 -0.28 -9.77
N THR A 105 11.71 -0.11 -8.45
CA THR A 105 10.72 -0.70 -7.55
C THR A 105 9.32 -0.22 -7.91
N GLY A 106 9.18 1.07 -8.16
CA GLY A 106 7.91 1.67 -8.53
C GLY A 106 7.36 1.11 -9.84
N LEU A 107 8.20 1.02 -10.87
CA LEU A 107 7.75 0.44 -12.14
C LEU A 107 7.36 -1.03 -11.98
N LEU A 108 8.16 -1.80 -11.23
CA LEU A 108 7.91 -3.22 -10.99
C LEU A 108 6.55 -3.44 -10.30
N ARG A 109 6.21 -2.60 -9.31
CA ARG A 109 4.92 -2.67 -8.65
C ARG A 109 3.80 -2.55 -9.71
N HIS A 110 3.92 -1.56 -10.60
CA HIS A 110 2.97 -1.30 -11.69
C HIS A 110 2.90 -2.51 -12.64
N ILE A 111 4.06 -3.02 -13.08
CA ILE A 111 4.14 -4.19 -13.99
C ILE A 111 3.46 -5.42 -13.40
N LEU A 112 3.75 -5.77 -12.15
CA LEU A 112 3.15 -6.96 -11.48
C LEU A 112 1.62 -6.85 -11.37
N GLN A 113 1.13 -5.67 -11.05
CA GLN A 113 -0.31 -5.44 -10.97
C GLN A 113 -0.95 -5.59 -12.35
N GLN A 114 -0.33 -5.00 -13.37
CA GLN A 114 -0.77 -5.03 -14.76
C GLN A 114 -0.79 -6.47 -15.29
N VAL A 115 0.27 -7.24 -14.98
CA VAL A 115 0.37 -8.64 -15.37
C VAL A 115 -0.77 -9.45 -14.75
N TYR A 116 -1.00 -9.26 -13.42
CA TYR A 116 -2.10 -9.90 -12.72
C TYR A 116 -3.45 -9.54 -13.38
N ASN A 117 -3.72 -8.23 -13.60
CA ASN A 117 -4.98 -7.77 -14.18
C ASN A 117 -5.27 -8.35 -15.55
N HIS A 118 -4.24 -8.57 -16.37
CA HIS A 118 -4.40 -9.19 -17.71
C HIS A 118 -4.47 -10.72 -17.62
N SER A 119 -4.02 -11.32 -16.51
CA SER A 119 -3.97 -12.77 -16.37
C SER A 119 -5.10 -13.39 -15.56
N VAL A 120 -5.32 -12.89 -14.35
CA VAL A 120 -6.33 -13.44 -13.43
C VAL A 120 -7.66 -12.71 -13.63
N THR A 121 -8.36 -13.11 -14.68
CA THR A 121 -9.63 -12.52 -15.12
C THR A 121 -10.82 -12.96 -14.27
N ASP A 122 -10.76 -14.16 -13.66
CA ASP A 122 -11.82 -14.68 -12.79
C ASP A 122 -11.19 -15.05 -11.43
N PRO A 123 -10.90 -14.04 -10.56
CA PRO A 123 -10.23 -14.35 -9.27
C PRO A 123 -10.97 -15.30 -8.32
N GLU A 124 -12.32 -15.42 -8.45
CA GLU A 124 -13.16 -16.30 -7.65
C GLU A 124 -12.70 -17.76 -7.75
N LYS A 125 -12.26 -18.17 -8.97
CA LYS A 125 -11.76 -19.51 -9.30
C LYS A 125 -10.59 -19.95 -8.42
N LEU A 126 -9.83 -19.00 -7.84
CA LEU A 126 -8.70 -19.32 -6.96
C LEU A 126 -9.13 -20.01 -5.66
N ASN A 127 -10.40 -19.78 -5.23
CA ASN A 127 -10.98 -20.32 -3.99
C ASN A 127 -10.04 -20.05 -2.79
N ASN A 128 -9.42 -18.84 -2.79
CA ASN A 128 -8.44 -18.41 -1.79
C ASN A 128 -8.98 -17.25 -0.95
N TYR A 129 -9.18 -17.51 0.35
CA TYR A 129 -9.73 -16.58 1.34
C TYR A 129 -8.66 -16.17 2.37
N GLU A 130 -7.39 -16.51 2.11
CA GLU A 130 -6.25 -16.24 3.00
C GLU A 130 -5.74 -14.78 2.94
N PRO A 131 -5.16 -14.26 4.08
CA PRO A 131 -4.65 -12.88 4.10
C PRO A 131 -3.50 -12.54 3.15
N PHE A 132 -2.53 -13.44 2.91
CA PHE A 132 -1.38 -13.09 2.03
C PHE A 132 -1.46 -13.88 0.71
N SER A 133 -2.61 -13.76 0.03
CA SER A 133 -2.95 -14.51 -1.17
C SER A 133 -2.82 -13.69 -2.48
N PRO A 134 -2.88 -14.31 -3.71
CA PRO A 134 -2.72 -13.56 -4.97
C PRO A 134 -3.58 -12.31 -5.18
N GLU A 135 -4.84 -12.33 -4.75
CA GLU A 135 -5.78 -11.20 -4.92
C GLU A 135 -5.37 -9.93 -4.13
N VAL A 136 -4.54 -10.07 -3.08
CA VAL A 136 -4.12 -8.93 -2.27
C VAL A 136 -2.59 -8.79 -2.28
N TYR A 137 -1.90 -9.38 -3.28
CA TYR A 137 -0.42 -9.35 -3.35
C TYR A 137 0.17 -7.94 -3.24
N GLY A 138 -0.43 -6.98 -3.93
CA GLY A 138 0.07 -5.61 -3.92
C GLY A 138 -0.07 -4.88 -2.60
N GLU A 139 -0.95 -5.33 -1.69
CA GLU A 139 -1.18 -4.60 -0.43
C GLU A 139 0.03 -4.57 0.52
N THR A 140 0.58 -5.74 0.87
CA THR A 140 1.72 -5.82 1.78
C THR A 140 2.82 -6.69 1.24
N SER A 141 2.47 -7.80 0.56
CA SER A 141 3.45 -8.79 0.07
C SER A 141 4.52 -8.17 -0.80
N PHE A 142 4.12 -7.33 -1.75
CA PHE A 142 5.08 -6.68 -2.65
C PHE A 142 6.14 -5.97 -1.82
N ASP A 143 5.72 -5.16 -0.84
CA ASP A 143 6.66 -4.40 0.01
C ASP A 143 7.52 -5.31 0.88
N LEU A 144 6.93 -6.38 1.43
CA LEU A 144 7.69 -7.30 2.28
C LEU A 144 8.65 -8.15 1.48
N VAL A 145 8.27 -8.56 0.27
CA VAL A 145 9.17 -9.30 -0.65
C VAL A 145 10.34 -8.37 -1.05
N ALA A 146 10.07 -7.06 -1.31
CA ALA A 146 11.09 -6.06 -1.68
C ALA A 146 12.12 -5.92 -0.54
N GLN A 147 11.62 -5.87 0.72
CA GLN A 147 12.45 -5.80 1.94
C GLN A 147 13.31 -7.06 2.05
N MET A 148 12.71 -8.24 1.80
CA MET A 148 13.37 -9.55 1.80
C MET A 148 14.49 -9.58 0.74
N ILE A 149 14.22 -9.11 -0.49
CA ILE A 149 15.23 -9.05 -1.57
C ILE A 149 16.47 -8.21 -1.08
N ASP A 150 16.23 -7.03 -0.46
CA ASP A 150 17.31 -6.16 0.05
C ASP A 150 18.09 -6.80 1.21
N GLU A 151 17.44 -7.68 1.95
CA GLU A 151 18.03 -8.36 3.10
C GLU A 151 18.88 -9.58 2.75
N ILE A 152 18.44 -10.45 1.82
CA ILE A 152 19.16 -11.72 1.55
C ILE A 152 20.31 -11.57 0.51
N LYS A 153 20.27 -10.55 -0.34
CA LYS A 153 21.37 -10.22 -1.27
C LYS A 153 21.96 -11.41 -2.08
N MET A 154 21.11 -12.03 -2.86
CA MET A 154 21.46 -13.15 -3.73
C MET A 154 22.41 -12.78 -4.87
N THR A 155 23.21 -13.76 -5.32
CA THR A 155 24.18 -13.61 -6.41
C THR A 155 23.88 -14.63 -7.52
N ASP A 156 24.69 -14.63 -8.61
CA ASP A 156 24.53 -15.53 -9.75
C ASP A 156 24.83 -16.99 -9.38
N ASP A 157 25.37 -17.25 -8.18
CA ASP A 157 25.59 -18.62 -7.70
C ASP A 157 24.34 -19.19 -7.02
N ASP A 158 23.32 -18.35 -6.77
CA ASP A 158 22.10 -18.79 -6.10
C ASP A 158 21.04 -19.39 -7.02
N LEU A 159 20.25 -20.32 -6.46
CA LEU A 159 19.07 -20.93 -7.08
C LEU A 159 17.94 -20.63 -6.11
N PHE A 160 16.89 -19.96 -6.58
CA PHE A 160 15.75 -19.56 -5.76
C PHE A 160 14.54 -20.40 -6.07
N VAL A 161 13.85 -20.91 -5.02
CA VAL A 161 12.64 -21.69 -5.22
C VAL A 161 11.52 -21.22 -4.28
N ASP A 162 10.32 -20.95 -4.83
CA ASP A 162 9.13 -20.65 -4.06
C ASP A 162 8.28 -21.93 -4.02
N LEU A 163 8.15 -22.57 -2.83
CA LEU A 163 7.34 -23.80 -2.61
C LEU A 163 5.90 -23.39 -2.35
N GLY A 164 5.03 -23.62 -3.32
CA GLY A 164 3.62 -23.22 -3.29
C GLY A 164 3.53 -21.81 -3.83
N SER A 165 3.96 -21.64 -5.10
CA SER A 165 4.13 -20.33 -5.75
C SER A 165 2.84 -19.62 -6.22
N GLY A 166 1.67 -20.23 -6.01
CA GLY A 166 0.40 -19.60 -6.39
C GLY A 166 0.35 -19.33 -7.89
N VAL A 167 0.13 -18.06 -8.27
CA VAL A 167 0.12 -17.62 -9.68
C VAL A 167 1.52 -17.12 -10.11
N GLY A 168 2.52 -17.26 -9.23
CA GLY A 168 3.92 -16.95 -9.48
C GLY A 168 4.41 -15.55 -9.19
N GLN A 169 3.65 -14.75 -8.42
CA GLN A 169 4.00 -13.35 -8.13
C GLN A 169 5.35 -13.12 -7.45
N VAL A 170 5.70 -13.96 -6.47
CA VAL A 170 6.96 -13.86 -5.74
C VAL A 170 8.13 -14.15 -6.69
N VAL A 171 8.03 -15.23 -7.49
CA VAL A 171 9.02 -15.64 -8.48
C VAL A 171 9.28 -14.49 -9.47
N LEU A 172 8.21 -13.87 -9.99
CA LEU A 172 8.32 -12.79 -10.97
C LEU A 172 8.99 -11.56 -10.35
N GLN A 173 8.63 -11.22 -9.08
CA GLN A 173 9.22 -10.07 -8.40
C GLN A 173 10.72 -10.30 -8.16
N VAL A 174 11.05 -11.47 -7.60
CA VAL A 174 12.46 -11.82 -7.31
C VAL A 174 13.28 -11.91 -8.60
N ALA A 175 12.74 -12.56 -9.66
CA ALA A 175 13.45 -12.66 -10.95
C ALA A 175 13.68 -11.27 -11.60
N ALA A 176 12.75 -10.33 -11.43
CA ALA A 176 12.92 -8.98 -11.98
C ALA A 176 14.00 -8.19 -11.22
N ALA A 177 14.19 -8.50 -9.92
CA ALA A 177 15.11 -7.77 -9.04
C ALA A 177 16.50 -8.39 -8.87
N THR A 178 16.67 -9.72 -8.96
CA THR A 178 17.97 -10.32 -8.65
C THR A 178 18.71 -10.95 -9.82
N ASN A 179 19.95 -11.36 -9.57
CA ASN A 179 20.73 -12.04 -10.60
C ASN A 179 20.96 -13.53 -10.25
N CYS A 180 20.01 -14.21 -9.51
CA CYS A 180 20.11 -15.67 -9.27
C CYS A 180 20.22 -16.34 -10.61
N LYS A 181 20.93 -17.47 -10.67
CA LYS A 181 21.12 -18.28 -11.86
C LYS A 181 19.71 -18.63 -12.44
N HIS A 182 18.77 -19.01 -11.56
CA HIS A 182 17.41 -19.40 -11.95
C HIS A 182 16.46 -19.28 -10.77
N HIS A 183 15.20 -18.95 -11.07
CA HIS A 183 14.13 -18.83 -10.10
C HIS A 183 13.04 -19.84 -10.43
N TYR A 184 12.58 -20.62 -9.45
CA TYR A 184 11.55 -21.62 -9.71
C TYR A 184 10.37 -21.37 -8.82
N GLY A 185 9.20 -21.63 -9.38
CA GLY A 185 7.95 -21.63 -8.67
C GLY A 185 7.29 -22.97 -8.88
N VAL A 186 6.89 -23.64 -7.80
CA VAL A 186 6.18 -24.91 -7.89
C VAL A 186 4.81 -24.77 -7.20
N GLU A 187 3.75 -25.07 -7.96
CA GLU A 187 2.38 -24.97 -7.47
C GLU A 187 1.62 -26.26 -7.79
N LYS A 188 0.92 -26.81 -6.79
CA LYS A 188 0.16 -28.07 -6.93
C LYS A 188 -1.27 -27.88 -7.43
N ALA A 189 -1.98 -26.85 -6.91
CA ALA A 189 -3.38 -26.62 -7.27
C ALA A 189 -3.54 -26.22 -8.74
N ASP A 190 -4.56 -26.80 -9.40
CA ASP A 190 -4.89 -26.65 -10.81
C ASP A 190 -5.11 -25.23 -11.29
N ILE A 191 -6.04 -24.49 -10.64
CA ILE A 191 -6.39 -23.13 -11.06
C ILE A 191 -5.20 -22.15 -10.92
N PRO A 192 -4.50 -21.98 -9.75
CA PRO A 192 -3.35 -21.06 -9.74
C PRO A 192 -2.23 -21.49 -10.71
N ALA A 193 -1.95 -22.80 -10.85
CA ALA A 193 -0.91 -23.28 -11.79
C ALA A 193 -1.26 -22.93 -13.26
N LYS A 194 -2.55 -23.02 -13.63
CA LYS A 194 -3.02 -22.66 -14.96
C LYS A 194 -2.93 -21.14 -15.15
N TYR A 195 -3.28 -20.36 -14.12
CA TYR A 195 -3.16 -18.89 -14.17
C TYR A 195 -1.68 -18.44 -14.23
N ALA A 196 -0.76 -19.21 -13.59
CA ALA A 196 0.69 -18.95 -13.61
C ALA A 196 1.25 -18.99 -15.05
N GLU A 197 0.68 -19.86 -15.92
CA GLU A 197 1.08 -19.97 -17.33
C GLU A 197 0.78 -18.66 -18.08
N THR A 198 -0.37 -18.03 -17.79
CA THR A 198 -0.75 -16.73 -18.37
C THR A 198 0.11 -15.62 -17.76
N MET A 199 0.33 -15.66 -16.42
CA MET A 199 1.17 -14.67 -15.72
C MET A 199 2.56 -14.65 -16.35
N ASP A 200 3.13 -15.84 -16.62
CA ASP A 200 4.45 -16.00 -17.23
C ASP A 200 4.51 -15.33 -18.61
N ARG A 201 3.53 -15.64 -19.49
CA ARG A 201 3.39 -15.07 -20.84
C ARG A 201 3.25 -13.55 -20.80
N GLU A 202 2.33 -13.03 -19.97
CA GLU A 202 2.06 -11.60 -19.83
C GLU A 202 3.28 -10.85 -19.26
N PHE A 203 3.99 -11.46 -18.30
CA PHE A 203 5.17 -10.85 -17.69
C PHE A 203 6.28 -10.67 -18.73
N ARG A 204 6.62 -11.71 -19.50
CA ARG A 204 7.64 -11.65 -20.54
C ARG A 204 7.27 -10.62 -21.60
N LYS A 205 5.98 -10.58 -22.01
CA LYS A 205 5.47 -9.64 -23.00
C LYS A 205 5.57 -8.19 -22.49
N TRP A 206 5.07 -7.91 -21.28
CA TRP A 206 5.11 -6.56 -20.72
C TRP A 206 6.53 -6.08 -20.42
N MET A 207 7.39 -6.95 -19.89
CA MET A 207 8.80 -6.60 -19.63
C MET A 207 9.51 -6.19 -20.94
N LYS A 208 9.22 -6.91 -22.04
CA LYS A 208 9.74 -6.59 -23.37
C LYS A 208 9.15 -5.24 -23.85
N TRP A 209 7.84 -4.98 -23.58
CA TRP A 209 7.18 -3.73 -23.97
C TRP A 209 7.87 -2.52 -23.28
N TYR A 210 8.19 -2.64 -21.98
CA TYR A 210 8.88 -1.58 -21.23
C TYR A 210 10.37 -1.54 -21.54
N GLY A 211 10.91 -2.64 -22.07
CA GLY A 211 12.33 -2.76 -22.40
C GLY A 211 13.16 -3.09 -21.18
N LYS A 212 12.60 -3.90 -20.26
CA LYS A 212 13.24 -4.25 -19.00
C LYS A 212 13.75 -5.68 -18.94
N LYS A 213 14.89 -5.86 -18.30
CA LYS A 213 15.55 -7.15 -18.08
C LYS A 213 15.02 -7.83 -16.80
N HIS A 214 15.06 -9.15 -16.79
CA HIS A 214 14.72 -10.01 -15.65
C HIS A 214 15.61 -11.25 -15.76
N ALA A 215 15.87 -11.90 -14.63
CA ALA A 215 16.65 -13.14 -14.58
C ALA A 215 15.77 -14.27 -15.15
N GLU A 216 16.37 -15.44 -15.40
CA GLU A 216 15.64 -16.59 -15.91
C GLU A 216 14.76 -17.17 -14.81
N TYR A 217 13.58 -17.66 -15.18
CA TYR A 217 12.65 -18.26 -14.22
C TYR A 217 11.79 -19.30 -14.89
N THR A 218 11.22 -20.21 -14.10
CA THR A 218 10.31 -21.27 -14.55
C THR A 218 9.22 -21.40 -13.51
N LEU A 219 7.98 -21.43 -13.97
CA LEU A 219 6.82 -21.66 -13.12
C LEU A 219 6.32 -23.03 -13.53
N GLU A 220 6.18 -23.93 -12.57
CA GLU A 220 5.73 -25.27 -12.93
C GLU A 220 4.67 -25.81 -12.00
N ARG A 221 3.87 -26.73 -12.53
CA ARG A 221 2.84 -27.45 -11.80
C ARG A 221 3.53 -28.68 -11.20
N GLY A 222 3.36 -28.89 -9.91
CA GLY A 222 3.96 -30.03 -9.23
C GLY A 222 3.68 -30.07 -7.75
N ASP A 223 4.05 -31.17 -7.10
CA ASP A 223 3.91 -31.42 -5.66
C ASP A 223 5.34 -31.32 -5.07
N PHE A 224 5.61 -30.29 -4.26
CA PHE A 224 6.95 -30.08 -3.69
C PHE A 224 7.37 -31.17 -2.66
N LEU A 225 6.45 -32.08 -2.29
CA LEU A 225 6.73 -33.20 -1.37
C LEU A 225 7.09 -34.51 -2.11
N SER A 226 7.07 -34.51 -3.45
CA SER A 226 7.39 -35.68 -4.27
C SER A 226 8.88 -36.03 -4.21
N GLU A 227 9.25 -37.24 -4.68
CA GLU A 227 10.62 -37.76 -4.69
C GLU A 227 11.56 -36.91 -5.53
N GLU A 228 11.09 -36.48 -6.71
CA GLU A 228 11.83 -35.63 -7.65
C GLU A 228 12.21 -34.30 -6.96
N TRP A 229 11.27 -33.72 -6.18
CA TRP A 229 11.48 -32.47 -5.45
C TRP A 229 12.39 -32.58 -4.21
N ARG A 230 12.63 -33.81 -3.70
CA ARG A 230 13.52 -34.05 -2.57
C ARG A 230 14.95 -33.59 -2.92
N GLU A 231 15.46 -34.03 -4.07
CA GLU A 231 16.80 -33.67 -4.57
C GLU A 231 16.84 -32.22 -5.00
N ARG A 232 15.74 -31.72 -5.57
CA ARG A 232 15.63 -30.32 -6.02
C ARG A 232 15.72 -29.34 -4.83
N ILE A 233 15.05 -29.65 -3.70
CA ILE A 233 15.10 -28.85 -2.46
C ILE A 233 16.55 -28.87 -1.89
N ALA A 234 17.18 -30.07 -1.86
CA ALA A 234 18.56 -30.30 -1.40
C ALA A 234 19.57 -29.42 -2.18
N ASN A 235 19.32 -29.18 -3.48
CA ASN A 235 20.20 -28.36 -4.33
C ASN A 235 19.85 -26.87 -4.36
N THR A 236 18.80 -26.46 -3.64
CA THR A 236 18.35 -25.08 -3.63
C THR A 236 19.15 -24.28 -2.60
N SER A 237 19.59 -23.08 -2.97
CA SER A 237 20.33 -22.25 -2.03
C SER A 237 19.40 -21.28 -1.24
N VAL A 238 18.26 -20.88 -1.83
CA VAL A 238 17.29 -19.99 -1.19
C VAL A 238 15.85 -20.53 -1.41
N ILE A 239 15.20 -21.02 -0.35
CA ILE A 239 13.81 -21.50 -0.38
C ILE A 239 12.93 -20.35 0.18
N PHE A 240 11.81 -20.06 -0.49
CA PHE A 240 10.79 -19.14 -0.04
C PHE A 240 9.56 -20.00 0.18
N VAL A 241 8.96 -19.94 1.37
CA VAL A 241 7.78 -20.74 1.60
C VAL A 241 6.81 -20.01 2.54
N ASN A 242 5.63 -19.69 2.04
CA ASN A 242 4.61 -19.09 2.89
C ASN A 242 3.84 -20.30 3.47
N ASN A 243 4.36 -20.85 4.57
CA ASN A 243 3.88 -22.07 5.22
C ASN A 243 2.86 -21.83 6.34
N PHE A 244 2.43 -20.58 6.58
CA PHE A 244 1.56 -20.23 7.69
C PHE A 244 0.32 -21.16 7.85
N ALA A 245 -0.39 -21.44 6.76
CA ALA A 245 -1.60 -22.28 6.80
C ALA A 245 -1.37 -23.77 6.50
N PHE A 246 -0.11 -24.22 6.41
CA PHE A 246 0.21 -25.61 6.09
C PHE A 246 -0.14 -26.59 7.22
N GLY A 247 0.09 -26.17 8.45
CA GLY A 247 -0.11 -27.00 9.63
C GLY A 247 1.03 -27.97 9.87
N PRO A 248 1.12 -28.52 11.12
CA PRO A 248 2.25 -29.40 11.50
C PRO A 248 2.60 -30.64 10.66
N GLU A 249 1.65 -31.28 9.94
CA GLU A 249 1.98 -32.47 9.15
C GLU A 249 2.87 -32.21 7.92
N VAL A 250 2.52 -31.20 7.10
CA VAL A 250 3.27 -30.78 5.91
C VAL A 250 4.60 -30.16 6.40
N ASP A 251 4.55 -29.38 7.52
CA ASP A 251 5.70 -28.73 8.12
C ASP A 251 6.77 -29.78 8.50
N HIS A 252 6.33 -30.98 8.96
CA HIS A 252 7.19 -32.12 9.35
C HIS A 252 7.94 -32.68 8.14
N GLN A 253 7.21 -32.87 7.03
CA GLN A 253 7.76 -33.38 5.78
C GLN A 253 8.78 -32.38 5.18
N LEU A 254 8.50 -31.08 5.29
CA LEU A 254 9.39 -30.03 4.82
C LEU A 254 10.71 -30.00 5.57
N LYS A 255 10.66 -30.14 6.91
CA LYS A 255 11.86 -30.17 7.77
C LYS A 255 12.78 -31.32 7.32
N GLU A 256 12.21 -32.46 6.91
CA GLU A 256 12.94 -33.63 6.40
C GLU A 256 13.66 -33.27 5.07
N ARG A 257 12.99 -32.50 4.19
CA ARG A 257 13.57 -32.03 2.93
C ARG A 257 14.69 -31.02 3.19
N PHE A 258 14.46 -30.07 4.12
CA PHE A 258 15.44 -29.04 4.49
C PHE A 258 16.71 -29.62 5.11
N ALA A 259 16.59 -30.78 5.77
CA ALA A 259 17.70 -31.48 6.44
C ALA A 259 18.77 -32.01 5.48
N ASN A 260 18.48 -32.02 4.16
CA ASN A 260 19.43 -32.43 3.11
C ASN A 260 20.07 -31.22 2.41
N MET A 261 19.71 -30.00 2.82
CA MET A 261 20.26 -28.78 2.21
C MET A 261 21.73 -28.56 2.60
N LYS A 262 22.44 -27.79 1.77
CA LYS A 262 23.86 -27.51 1.95
C LYS A 262 24.06 -26.46 3.04
N GLU A 263 25.27 -26.40 3.64
CA GLU A 263 25.65 -25.37 4.63
C GLU A 263 25.40 -24.03 3.99
N GLY A 264 24.82 -23.11 4.76
CA GLY A 264 24.56 -21.76 4.25
C GLY A 264 23.29 -21.66 3.44
N GLY A 265 22.62 -22.79 3.17
CA GLY A 265 21.34 -22.80 2.48
C GLY A 265 20.36 -22.01 3.32
N ARG A 266 19.45 -21.26 2.69
CA ARG A 266 18.53 -20.40 3.44
C ARG A 266 17.07 -20.66 3.14
N ILE A 267 16.22 -20.52 4.18
CA ILE A 267 14.76 -20.67 4.07
C ILE A 267 14.09 -19.41 4.62
N VAL A 268 13.24 -18.79 3.81
CA VAL A 268 12.47 -17.62 4.19
C VAL A 268 11.03 -18.11 4.34
N SER A 269 10.43 -17.93 5.53
CA SER A 269 9.08 -18.42 5.76
C SER A 269 8.19 -17.49 6.57
N SER A 270 6.89 -17.78 6.61
CA SER A 270 5.92 -16.96 7.36
C SER A 270 5.69 -17.50 8.79
N LYS A 271 6.11 -18.75 9.05
CA LYS A 271 6.04 -19.38 10.38
C LYS A 271 7.38 -20.13 10.55
N PRO A 272 8.15 -19.92 11.65
CA PRO A 272 9.47 -20.57 11.77
C PRO A 272 9.39 -22.09 11.84
N PHE A 273 10.41 -22.75 11.31
CA PHE A 273 10.52 -24.21 11.30
C PHE A 273 11.19 -24.74 12.56
N ALA A 274 11.80 -23.85 13.33
CA ALA A 274 12.45 -24.22 14.58
C ALA A 274 12.23 -23.08 15.58
N PRO A 275 12.26 -23.32 16.90
CA PRO A 275 12.08 -22.21 17.84
C PRO A 275 13.19 -21.19 17.70
N LEU A 276 12.87 -19.92 17.94
CA LEU A 276 13.82 -18.81 17.86
C LEU A 276 14.85 -18.89 18.99
N ASN A 277 14.49 -19.54 20.10
CA ASN A 277 15.31 -19.68 21.30
C ASN A 277 15.77 -21.15 21.50
N PHE A 278 15.89 -21.95 20.40
CA PHE A 278 16.32 -23.35 20.44
C PHE A 278 17.65 -23.53 21.17
N ARG A 279 17.65 -24.43 22.15
CA ARG A 279 18.82 -24.79 22.98
C ARG A 279 19.07 -26.29 22.86
N ILE A 280 20.15 -26.67 22.16
CA ILE A 280 20.50 -28.07 21.95
C ILE A 280 20.78 -28.78 23.29
N ASN A 281 20.24 -29.98 23.45
CA ASN A 281 20.46 -30.82 24.62
C ASN A 281 20.32 -32.30 24.20
N SER A 282 20.51 -33.25 25.12
CA SER A 282 20.41 -34.68 24.83
C SER A 282 19.00 -35.17 24.44
N ARG A 283 17.94 -34.41 24.76
CA ARG A 283 16.54 -34.80 24.47
C ARG A 283 15.95 -34.27 23.17
N ASN A 284 16.59 -33.26 22.54
CA ASN A 284 16.07 -32.65 21.31
C ASN A 284 17.03 -32.76 20.12
N LEU A 285 18.02 -33.71 20.18
CA LEU A 285 19.03 -33.91 19.12
C LEU A 285 18.47 -34.18 17.74
N SER A 286 17.23 -34.64 17.70
CA SER A 286 16.51 -35.00 16.51
C SER A 286 15.86 -33.80 15.81
N ASP A 287 15.69 -32.71 16.54
CA ASP A 287 15.01 -31.52 16.04
C ASP A 287 15.81 -30.78 14.96
N ILE A 288 15.10 -30.14 14.01
CA ILE A 288 15.72 -29.37 12.92
C ILE A 288 16.54 -28.17 13.46
N GLY A 289 16.20 -27.69 14.66
CA GLY A 289 16.92 -26.60 15.31
C GLY A 289 18.39 -26.90 15.56
N THR A 290 18.79 -28.19 15.52
CA THR A 290 20.18 -28.60 15.71
C THR A 290 21.04 -28.28 14.48
N ILE A 291 20.42 -28.00 13.32
CA ILE A 291 21.18 -27.76 12.09
C ILE A 291 20.81 -26.46 11.39
N MET A 292 20.09 -25.58 12.06
CA MET A 292 19.75 -24.30 11.43
C MET A 292 19.61 -23.15 12.40
N ARG A 293 20.12 -21.99 12.00
CA ARG A 293 19.95 -20.76 12.74
C ARG A 293 18.56 -20.26 12.31
N VAL A 294 17.88 -19.48 13.17
CA VAL A 294 16.57 -18.91 12.84
C VAL A 294 16.51 -17.52 13.43
N VAL A 295 16.09 -16.52 12.64
CA VAL A 295 15.92 -15.13 13.06
C VAL A 295 14.60 -14.58 12.51
N GLU A 296 13.95 -13.72 13.30
CA GLU A 296 12.75 -13.03 12.89
C GLU A 296 13.20 -11.71 12.27
N LEU A 297 12.76 -11.45 11.02
CA LEU A 297 13.07 -10.20 10.34
C LEU A 297 11.81 -9.37 10.22
N SER A 298 11.84 -8.21 10.84
CA SER A 298 10.69 -7.32 10.84
C SER A 298 11.09 -5.95 10.32
N PRO A 299 10.46 -5.45 9.24
CA PRO A 299 10.81 -4.11 8.74
C PRO A 299 10.51 -3.00 9.77
N LEU A 300 9.61 -3.25 10.74
CA LEU A 300 9.35 -2.28 11.80
C LEU A 300 10.59 -2.06 12.68
N LYS A 301 11.48 -3.07 12.78
CA LYS A 301 12.74 -2.99 13.50
C LYS A 301 13.87 -2.71 12.49
N GLY A 302 13.77 -3.28 11.28
CA GLY A 302 14.74 -3.08 10.21
C GLY A 302 14.67 -1.70 9.58
N SER A 305 11.42 4.81 6.10
CA SER A 305 11.12 3.71 7.01
C SER A 305 9.73 3.09 6.74
N TRP A 306 9.47 1.90 7.33
CA TRP A 306 8.26 1.11 7.19
C TRP A 306 7.05 1.68 7.90
N THR A 307 5.96 1.93 7.14
CA THR A 307 4.72 2.41 7.74
C THR A 307 3.53 1.51 7.38
N GLY A 308 3.83 0.31 6.84
CA GLY A 308 2.79 -0.65 6.49
C GLY A 308 2.36 -1.46 7.70
N LYS A 309 1.75 -2.63 7.42
CA LYS A 309 1.26 -3.55 8.46
C LYS A 309 2.40 -4.10 9.34
N PRO A 310 2.15 -4.37 10.63
CA PRO A 310 3.22 -4.90 11.50
C PRO A 310 3.45 -6.40 11.21
N VAL A 311 4.23 -6.67 10.20
CA VAL A 311 4.45 -8.02 9.69
C VAL A 311 5.91 -8.46 9.81
N SER A 312 6.15 -9.78 9.80
CA SER A 312 7.48 -10.35 9.91
C SER A 312 7.63 -11.56 9.00
N TYR A 313 8.86 -11.93 8.72
CA TYR A 313 9.18 -13.20 8.09
C TYR A 313 10.36 -13.83 8.86
N TYR A 314 10.64 -15.10 8.60
CA TYR A 314 11.65 -15.85 9.32
C TYR A 314 12.72 -16.33 8.40
N LEU A 315 13.97 -16.01 8.74
CA LEU A 315 15.13 -16.41 7.96
C LEU A 315 15.86 -17.55 8.69
N HIS A 316 15.92 -18.72 8.04
CA HIS A 316 16.59 -19.93 8.53
C HIS A 316 17.85 -20.13 7.70
N THR A 317 18.96 -20.47 8.34
CA THR A 317 20.22 -20.68 7.65
C THR A 317 20.76 -22.02 8.09
N ILE A 318 21.01 -22.92 7.14
CA ILE A 318 21.57 -24.24 7.43
C ILE A 318 22.97 -24.06 8.03
N ASP A 319 23.16 -24.59 9.24
CA ASP A 319 24.41 -24.48 9.98
C ASP A 319 24.61 -25.72 10.87
N ARG A 320 25.34 -26.72 10.33
CA ARG A 320 25.62 -27.96 11.03
C ARG A 320 26.66 -27.83 12.12
N THR A 321 27.31 -26.64 12.27
CA THR A 321 28.26 -26.41 13.38
C THR A 321 27.52 -26.33 14.73
N ILE A 322 26.18 -26.09 14.73
CA ILE A 322 25.37 -26.10 15.97
C ILE A 322 25.46 -27.52 16.59
N LEU A 323 25.22 -28.54 15.75
CA LEU A 323 25.29 -29.95 16.14
C LEU A 323 26.73 -30.34 16.45
N GLU A 324 27.68 -29.93 15.61
CA GLU A 324 29.10 -30.22 15.83
C GLU A 324 29.63 -29.66 17.16
N ASN A 325 29.26 -28.42 17.54
CA ASN A 325 29.71 -27.78 18.80
C ASN A 325 29.18 -28.53 20.01
N TYR A 326 27.96 -29.06 19.93
CA TYR A 326 27.36 -29.86 21.00
C TYR A 326 28.19 -31.12 21.24
N PHE A 327 28.58 -31.84 20.17
CA PHE A 327 29.41 -33.06 20.28
C PHE A 327 30.81 -32.74 20.80
N SER A 328 31.42 -31.60 20.34
CA SER A 328 32.74 -31.14 20.78
C SER A 328 32.74 -30.80 22.26
N SER A 329 31.67 -30.16 22.75
CA SER A 329 31.50 -29.80 24.16
C SER A 329 31.39 -31.05 25.03
N LEU A 330 30.74 -32.15 24.53
CA LEU A 330 30.65 -33.42 25.30
C LEU A 330 32.02 -34.11 25.39
N LYS A 331 32.78 -34.10 24.28
CA LYS A 331 34.09 -34.73 24.19
C LYS A 331 35.20 -33.94 24.90
N ASN A 332 34.99 -32.64 25.09
CA ASN A 332 35.96 -31.74 25.73
C ASN A 332 35.21 -30.85 26.74
N PRO A 333 34.77 -31.43 27.90
CA PRO A 333 34.03 -30.60 28.88
C PRO A 333 34.89 -29.56 29.59
N LYS B 5 -19.46 -13.41 27.22
CA LYS B 5 -18.80 -14.72 27.17
C LYS B 5 -18.27 -15.01 25.76
N LEU B 6 -19.18 -15.03 24.76
CA LEU B 6 -18.82 -15.28 23.37
C LEU B 6 -18.22 -14.03 22.74
N GLU B 7 -17.05 -13.64 23.24
CA GLU B 7 -16.40 -12.41 22.80
C GLU B 7 -14.91 -12.42 23.12
N LEU B 8 -14.20 -11.46 22.55
CA LEU B 8 -12.77 -11.23 22.75
C LEU B 8 -12.60 -9.80 23.23
N ARG B 9 -11.77 -9.60 24.24
CA ARG B 9 -11.54 -8.27 24.81
C ARG B 9 -10.06 -7.90 24.75
N LEU B 10 -9.78 -6.64 24.41
CA LEU B 10 -8.43 -6.10 24.40
C LEU B 10 -8.38 -4.90 25.35
N LYS B 11 -7.58 -5.01 26.39
CA LYS B 11 -7.41 -3.93 27.36
C LYS B 11 -6.63 -2.78 26.71
N SER B 12 -7.04 -1.57 27.05
CA SER B 12 -6.39 -0.38 26.53
C SER B 12 -5.02 -0.22 27.19
N PRO B 13 -3.97 0.16 26.43
CA PRO B 13 -2.66 0.43 27.09
C PRO B 13 -2.66 1.65 28.03
N VAL B 14 -3.69 2.52 27.94
CA VAL B 14 -3.78 3.72 28.79
C VAL B 14 -4.95 3.67 29.78
N GLY B 15 -5.56 2.52 29.96
CA GLY B 15 -6.64 2.39 30.93
C GLY B 15 -8.00 2.87 30.48
N ALA B 16 -8.19 3.10 29.17
CA ALA B 16 -9.51 3.43 28.64
C ALA B 16 -10.37 2.13 28.70
N GLU B 17 -11.66 2.21 28.33
CA GLU B 17 -12.56 1.05 28.31
C GLU B 17 -12.02 0.00 27.30
N PRO B 18 -12.12 -1.30 27.59
CA PRO B 18 -11.54 -2.29 26.66
C PRO B 18 -12.22 -2.35 25.29
N ALA B 19 -11.50 -2.79 24.24
CA ALA B 19 -12.11 -3.00 22.91
C ALA B 19 -12.81 -4.38 23.03
N VAL B 20 -14.10 -4.46 22.69
CA VAL B 20 -14.86 -5.71 22.82
C VAL B 20 -15.33 -6.16 21.43
N TYR B 21 -14.93 -7.36 21.03
CA TYR B 21 -15.31 -7.92 19.74
C TYR B 21 -16.22 -9.14 19.95
N PRO B 22 -17.36 -9.25 19.29
CA PRO B 22 -18.17 -10.49 19.44
C PRO B 22 -17.50 -11.65 18.71
N TRP B 23 -17.83 -12.89 19.09
CA TRP B 23 -17.35 -14.09 18.38
C TRP B 23 -18.62 -14.77 17.80
N PRO B 24 -18.68 -15.25 16.53
CA PRO B 24 -17.66 -15.18 15.46
C PRO B 24 -17.29 -13.74 15.15
N LEU B 25 -16.05 -13.53 14.80
CA LEU B 25 -15.52 -12.20 14.52
C LEU B 25 -16.05 -11.63 13.21
N PRO B 26 -16.31 -10.31 13.14
CA PRO B 26 -16.76 -9.70 11.86
C PRO B 26 -15.75 -9.88 10.73
N VAL B 27 -16.27 -10.05 9.52
CA VAL B 27 -15.52 -10.17 8.28
C VAL B 27 -15.70 -8.84 7.55
N TYR B 28 -14.60 -8.25 7.09
CA TYR B 28 -14.62 -6.95 6.39
C TYR B 28 -14.73 -7.13 4.88
N ASP B 29 -14.01 -8.10 4.32
CA ASP B 29 -14.04 -8.52 2.91
C ASP B 29 -13.46 -9.93 2.82
N LYS B 30 -13.36 -10.48 1.61
CA LYS B 30 -12.85 -11.83 1.32
C LYS B 30 -11.45 -12.15 1.93
N HIS B 31 -10.59 -11.15 2.12
CA HIS B 31 -9.23 -11.39 2.61
C HIS B 31 -8.87 -10.63 3.89
N HIS B 32 -9.84 -9.90 4.47
CA HIS B 32 -9.64 -9.08 5.69
C HIS B 32 -10.76 -9.31 6.70
N ASP B 33 -10.37 -9.49 7.98
CA ASP B 33 -11.34 -9.68 9.06
C ASP B 33 -10.86 -9.06 10.37
N ALA B 34 -11.73 -9.10 11.42
CA ALA B 34 -11.42 -8.56 12.73
C ALA B 34 -10.32 -9.34 13.46
N ALA B 35 -10.06 -10.61 13.08
CA ALA B 35 -8.98 -11.41 13.73
C ALA B 35 -7.62 -10.85 13.34
N HIS B 36 -7.43 -10.48 12.05
CA HIS B 36 -6.19 -9.86 11.59
C HIS B 36 -6.05 -8.49 12.24
N GLU B 37 -7.15 -7.77 12.43
CA GLU B 37 -7.17 -6.47 13.09
C GLU B 37 -6.70 -6.59 14.55
N ILE B 38 -7.18 -7.64 15.26
CA ILE B 38 -6.79 -7.92 16.65
C ILE B 38 -5.29 -8.17 16.72
N ILE B 39 -4.75 -9.03 15.84
CA ILE B 39 -3.34 -9.40 15.84
C ILE B 39 -2.47 -8.15 15.57
N GLU B 40 -2.86 -7.36 14.57
CA GLU B 40 -2.15 -6.15 14.19
C GLU B 40 -2.21 -5.06 15.28
N THR B 41 -3.36 -4.91 15.95
CA THR B 41 -3.52 -3.96 17.07
C THR B 41 -2.55 -4.35 18.18
N ILE B 42 -2.52 -5.65 18.56
CA ILE B 42 -1.59 -6.14 19.59
C ILE B 42 -0.13 -5.85 19.20
N ARG B 43 0.23 -6.18 17.94
CA ARG B 43 1.58 -5.94 17.44
C ARG B 43 1.96 -4.46 17.47
N TRP B 44 1.03 -3.57 17.08
CA TRP B 44 1.30 -2.13 17.12
C TRP B 44 1.52 -1.61 18.53
N VAL B 45 0.69 -2.04 19.50
CA VAL B 45 0.80 -1.60 20.90
C VAL B 45 2.15 -2.07 21.48
N CYS B 46 2.53 -3.34 21.18
CA CYS B 46 3.81 -3.94 21.58
C CYS B 46 5.01 -3.22 20.99
N GLU B 47 4.92 -2.87 19.71
CA GLU B 47 5.96 -2.18 18.99
C GLU B 47 6.23 -0.82 19.59
N GLU B 48 5.20 -0.14 20.02
CA GLU B 48 5.39 1.21 20.49
C GLU B 48 5.51 1.33 21.99
N ILE B 49 5.23 0.23 22.75
CA ILE B 49 5.43 0.22 24.20
C ILE B 49 6.49 -0.87 24.51
N PRO B 50 7.79 -0.50 24.52
CA PRO B 50 8.86 -1.50 24.75
C PRO B 50 8.69 -2.40 26.00
N ASP B 51 8.23 -1.84 27.13
CA ASP B 51 7.99 -2.67 28.34
C ASP B 51 6.96 -3.75 28.08
N LEU B 52 5.94 -3.42 27.25
CA LEU B 52 4.89 -4.37 26.90
C LEU B 52 5.40 -5.53 26.10
N LYS B 53 6.26 -5.26 25.09
CA LYS B 53 6.89 -6.30 24.27
C LYS B 53 7.73 -7.21 25.16
N LEU B 54 8.45 -6.64 26.17
CA LEU B 54 9.23 -7.41 27.14
C LEU B 54 8.32 -8.31 27.97
N ALA B 55 7.18 -7.78 28.47
CA ALA B 55 6.27 -8.55 29.33
C ALA B 55 5.50 -9.63 28.59
N MET B 56 5.11 -9.36 27.34
CA MET B 56 4.30 -10.35 26.67
C MET B 56 5.06 -11.57 26.20
N GLU B 57 4.46 -12.76 26.36
CA GLU B 57 5.00 -14.02 25.85
C GLU B 57 4.66 -13.97 24.33
N ASN B 58 5.61 -13.44 23.54
CA ASN B 58 5.51 -13.14 22.10
C ASN B 58 5.22 -14.34 21.17
N TYR B 59 5.62 -15.58 21.58
CA TYR B 59 5.43 -16.82 20.78
C TYR B 59 3.98 -17.01 20.33
N VAL B 60 3.04 -16.46 21.13
CA VAL B 60 1.61 -16.55 20.86
C VAL B 60 1.24 -15.77 19.59
N LEU B 61 2.07 -14.79 19.19
CA LEU B 61 1.84 -14.01 17.97
C LEU B 61 2.41 -14.67 16.74
N ILE B 62 3.05 -15.81 16.90
CA ILE B 62 3.71 -16.53 15.82
C ILE B 62 2.84 -17.64 15.25
N ASP B 63 2.33 -18.49 16.12
CA ASP B 63 1.52 -19.64 15.76
C ASP B 63 0.18 -19.49 16.46
N TYR B 64 -0.80 -18.94 15.75
CA TYR B 64 -2.16 -18.72 16.27
C TYR B 64 -3.12 -19.25 15.20
N ASP B 65 -4.39 -19.45 15.56
CA ASP B 65 -5.40 -19.94 14.62
C ASP B 65 -6.61 -19.00 14.72
N THR B 66 -6.80 -18.15 13.70
CA THR B 66 -7.89 -17.14 13.64
C THR B 66 -9.28 -17.79 13.64
N LYS B 67 -9.38 -19.08 13.30
CA LYS B 67 -10.63 -19.84 13.24
C LYS B 67 -10.89 -20.63 14.51
N SER B 68 -10.05 -20.45 15.54
CA SER B 68 -10.24 -21.16 16.81
C SER B 68 -10.51 -20.13 17.91
N PHE B 69 -11.68 -20.24 18.56
CA PHE B 69 -12.02 -19.30 19.64
C PHE B 69 -10.99 -19.37 20.79
N GLU B 70 -10.58 -20.59 21.18
CA GLU B 70 -9.59 -20.83 22.24
C GLU B 70 -8.23 -20.23 21.88
N SER B 71 -7.78 -20.39 20.64
CA SER B 71 -6.49 -19.84 20.21
C SER B 71 -6.49 -18.29 20.25
N MET B 72 -7.57 -17.67 19.74
CA MET B 72 -7.73 -16.21 19.73
C MET B 72 -7.88 -15.65 21.16
N GLN B 73 -8.63 -16.35 22.00
CA GLN B 73 -8.82 -15.96 23.39
C GLN B 73 -7.48 -16.03 24.17
N ARG B 74 -6.66 -17.07 23.92
CA ARG B 74 -5.37 -17.22 24.59
C ARG B 74 -4.46 -16.05 24.19
N LEU B 75 -4.44 -15.70 22.89
CA LEU B 75 -3.67 -14.59 22.36
C LEU B 75 -4.10 -13.27 23.06
N CYS B 76 -5.42 -13.01 23.14
CA CYS B 76 -5.96 -11.81 23.79
C CYS B 76 -5.64 -11.78 25.30
N ASP B 77 -5.71 -12.96 25.93
CA ASP B 77 -5.38 -13.14 27.34
C ASP B 77 -3.87 -12.85 27.66
N LYS B 78 -2.94 -13.32 26.81
CA LYS B 78 -1.50 -13.05 26.96
C LYS B 78 -1.26 -11.54 26.86
N TYR B 79 -1.90 -10.89 25.89
CA TYR B 79 -1.76 -9.46 25.72
C TYR B 79 -2.35 -8.72 26.96
N ASN B 80 -3.55 -9.12 27.42
CA ASN B 80 -4.21 -8.51 28.58
C ASN B 80 -3.40 -8.67 29.91
N ARG B 81 -2.72 -9.83 30.10
CA ARG B 81 -1.86 -10.09 31.28
C ARG B 81 -0.60 -9.20 31.21
N ALA B 82 -0.08 -8.99 29.99
CA ALA B 82 1.10 -8.16 29.75
C ALA B 82 0.72 -6.71 30.08
N ILE B 83 -0.47 -6.27 29.66
CA ILE B 83 -1.02 -4.95 29.98
C ILE B 83 -1.11 -4.77 31.51
N ASP B 84 -1.68 -5.75 32.23
CA ASP B 84 -1.80 -5.70 33.69
C ASP B 84 -0.43 -5.57 34.34
N SER B 85 0.61 -6.29 33.84
CA SER B 85 1.96 -6.23 34.43
C SER B 85 2.59 -4.85 34.24
N ILE B 86 2.37 -4.25 33.09
CA ILE B 86 2.87 -2.94 32.74
C ILE B 86 2.17 -1.87 33.56
N HIS B 87 0.86 -2.04 33.82
CA HIS B 87 0.13 -1.11 34.68
C HIS B 87 0.61 -1.21 36.12
N GLN B 88 1.05 -2.40 36.57
CA GLN B 88 1.61 -2.55 37.90
C GLN B 88 3.00 -1.86 37.98
N LEU B 89 3.83 -2.05 36.95
CA LEU B 89 5.17 -1.47 36.84
C LEU B 89 5.08 0.08 36.84
N TRP B 90 4.08 0.64 36.13
CA TRP B 90 3.89 2.09 36.03
C TRP B 90 3.24 2.68 37.28
N LYS B 91 2.60 1.84 38.09
CA LYS B 91 1.98 2.22 39.34
C LYS B 91 3.18 2.45 40.28
N GLY B 92 4.00 1.38 40.44
CA GLY B 92 5.23 1.32 41.24
C GLY B 92 6.31 2.35 40.91
N THR B 93 6.33 2.87 39.67
CA THR B 93 7.31 3.85 39.20
C THR B 93 6.73 5.27 39.23
N ASN B 100 -0.41 11.83 26.34
CA ASN B 100 -0.80 11.54 24.96
C ASN B 100 0.09 12.27 23.94
N THR B 101 0.47 11.58 22.85
CA THR B 101 1.28 12.12 21.74
C THR B 101 0.53 11.88 20.44
N ARG B 102 1.04 12.40 19.32
CA ARG B 102 0.41 12.17 18.03
C ARG B 102 0.78 10.75 17.59
N PRO B 103 -0.10 10.04 16.86
CA PRO B 103 0.29 8.69 16.40
C PRO B 103 1.39 8.77 15.34
N SER B 104 2.23 7.73 15.27
CA SER B 104 3.23 7.62 14.21
C SER B 104 2.42 7.40 12.90
N THR B 105 3.06 7.58 11.75
CA THR B 105 2.41 7.36 10.44
C THR B 105 1.90 5.91 10.34
N GLY B 106 2.72 4.94 10.75
CA GLY B 106 2.34 3.52 10.74
C GLY B 106 1.13 3.23 11.60
N LEU B 107 1.12 3.73 12.84
CA LEU B 107 -0.04 3.52 13.72
C LEU B 107 -1.29 4.18 13.15
N LEU B 108 -1.14 5.42 12.62
CA LEU B 108 -2.27 6.16 12.05
C LEU B 108 -2.91 5.41 10.87
N ARG B 109 -2.08 4.79 10.02
CA ARG B 109 -2.58 4.00 8.91
C ARG B 109 -3.51 2.88 9.46
N HIS B 110 -3.04 2.17 10.50
CA HIS B 110 -3.76 1.11 11.18
C HIS B 110 -5.06 1.66 11.79
N ILE B 111 -4.99 2.77 12.54
CA ILE B 111 -6.16 3.41 13.18
C ILE B 111 -7.23 3.79 12.17
N LEU B 112 -6.86 4.46 11.05
CA LEU B 112 -7.82 4.87 10.04
C LEU B 112 -8.54 3.69 9.36
N GLN B 113 -7.78 2.62 9.11
CA GLN B 113 -8.37 1.41 8.54
C GLN B 113 -9.36 0.76 9.52
N GLN B 114 -8.97 0.70 10.78
CA GLN B 114 -9.75 0.12 11.87
C GLN B 114 -11.05 0.94 12.07
N VAL B 115 -10.92 2.27 12.04
CA VAL B 115 -12.07 3.18 12.17
C VAL B 115 -13.06 2.94 11.02
N TYR B 116 -12.54 2.88 9.79
CA TYR B 116 -13.36 2.60 8.61
C TYR B 116 -14.08 1.23 8.77
N ASN B 117 -13.33 0.16 9.11
CA ASN B 117 -13.88 -1.19 9.24
C ASN B 117 -14.97 -1.30 10.27
N HIS B 118 -14.87 -0.52 11.37
CA HIS B 118 -15.89 -0.47 12.41
C HIS B 118 -17.06 0.44 12.05
N SER B 119 -16.88 1.36 11.09
CA SER B 119 -17.91 2.34 10.73
C SER B 119 -18.69 2.02 9.46
N VAL B 120 -17.98 1.76 8.35
CA VAL B 120 -18.59 1.52 7.05
C VAL B 120 -18.85 0.01 6.89
N THR B 121 -19.93 -0.45 7.51
CA THR B 121 -20.32 -1.86 7.56
C THR B 121 -20.97 -2.35 6.27
N ASP B 122 -21.63 -1.43 5.52
CA ASP B 122 -22.26 -1.76 4.26
C ASP B 122 -21.71 -0.81 3.18
N PRO B 123 -20.47 -1.06 2.66
CA PRO B 123 -19.87 -0.15 1.66
C PRO B 123 -20.64 0.02 0.36
N GLU B 124 -21.50 -0.96 -0.02
CA GLU B 124 -22.33 -0.91 -1.22
C GLU B 124 -23.22 0.33 -1.24
N LYS B 125 -23.74 0.72 -0.05
CA LYS B 125 -24.60 1.89 0.18
C LYS B 125 -24.00 3.20 -0.32
N LEU B 126 -22.65 3.29 -0.39
CA LEU B 126 -21.96 4.49 -0.85
C LEU B 126 -22.21 4.80 -2.33
N ASN B 127 -22.53 3.75 -3.13
CA ASN B 127 -22.80 3.84 -4.58
C ASN B 127 -21.65 4.63 -5.27
N ASN B 128 -20.40 4.33 -4.85
CA ASN B 128 -19.19 5.01 -5.29
C ASN B 128 -18.28 4.05 -6.07
N TYR B 129 -18.08 4.36 -7.35
CA TYR B 129 -17.29 3.58 -8.31
C TYR B 129 -16.03 4.35 -8.75
N GLU B 130 -15.70 5.46 -8.05
CA GLU B 130 -14.56 6.33 -8.36
C GLU B 130 -13.20 5.79 -7.87
N PRO B 131 -12.08 6.12 -8.59
CA PRO B 131 -10.76 5.63 -8.16
C PRO B 131 -10.24 6.09 -6.79
N PHE B 132 -10.45 7.35 -6.38
CA PHE B 132 -9.90 7.80 -5.07
C PHE B 132 -11.04 8.02 -4.05
N SER B 133 -11.84 6.96 -3.86
CA SER B 133 -13.06 6.95 -3.04
C SER B 133 -12.85 6.27 -1.65
N PRO B 134 -13.81 6.40 -0.67
CA PRO B 134 -13.60 5.82 0.68
C PRO B 134 -13.19 4.35 0.77
N GLU B 135 -13.74 3.48 -0.08
CA GLU B 135 -13.44 2.03 -0.06
C GLU B 135 -11.97 1.69 -0.40
N VAL B 136 -11.25 2.59 -1.09
CA VAL B 136 -9.85 2.34 -1.47
C VAL B 136 -8.91 3.42 -0.88
N TYR B 137 -9.36 4.17 0.16
CA TYR B 137 -8.55 5.24 0.77
C TYR B 137 -7.12 4.81 1.17
N GLY B 138 -6.99 3.62 1.74
CA GLY B 138 -5.69 3.12 2.19
C GLY B 138 -4.72 2.78 1.08
N GLU B 139 -5.20 2.59 -0.17
CA GLU B 139 -4.31 2.17 -1.26
C GLU B 139 -3.25 3.22 -1.67
N THR B 140 -3.69 4.45 -2.01
CA THR B 140 -2.78 5.52 -2.44
C THR B 140 -3.05 6.84 -1.68
N SER B 141 -4.32 7.14 -1.36
CA SER B 141 -4.71 8.39 -0.73
C SER B 141 -4.01 8.63 0.60
N PHE B 142 -3.93 7.62 1.46
CA PHE B 142 -3.26 7.74 2.76
C PHE B 142 -1.83 8.24 2.55
N ASP B 143 -1.08 7.59 1.65
CA ASP B 143 0.31 7.95 1.38
C ASP B 143 0.45 9.34 0.77
N LEU B 144 -0.44 9.69 -0.14
CA LEU B 144 -0.37 11.01 -0.80
C LEU B 144 -0.77 12.14 0.17
N VAL B 145 -1.77 11.90 1.02
CA VAL B 145 -2.17 12.85 2.06
C VAL B 145 -1.00 13.04 3.05
N ALA B 146 -0.29 11.95 3.41
CA ALA B 146 0.87 11.99 4.33
C ALA B 146 1.99 12.86 3.74
N GLN B 147 2.25 12.70 2.42
CA GLN B 147 3.24 13.48 1.67
C GLN B 147 2.81 14.97 1.66
N MET B 148 1.51 15.24 1.43
CA MET B 148 0.90 16.58 1.47
C MET B 148 1.10 17.22 2.87
N ILE B 149 0.82 16.49 3.95
CA ILE B 149 1.02 16.96 5.33
C ILE B 149 2.49 17.41 5.54
N ASP B 150 3.47 16.59 5.10
CA ASP B 150 4.92 16.92 5.20
C ASP B 150 5.33 18.15 4.38
N GLU B 151 4.70 18.39 3.21
CA GLU B 151 5.04 19.49 2.30
C GLU B 151 4.36 20.83 2.59
N ILE B 152 3.08 20.79 2.94
CA ILE B 152 2.26 21.97 3.22
C ILE B 152 2.41 22.23 4.71
N LYS B 153 3.15 23.26 5.07
CA LYS B 153 3.39 23.53 6.49
C LYS B 153 2.19 24.22 7.08
N MET B 154 1.66 23.63 8.15
CA MET B 154 0.47 24.10 8.83
C MET B 154 0.75 24.29 10.30
N THR B 155 0.31 25.45 10.82
CA THR B 155 0.51 25.86 12.22
C THR B 155 -0.86 26.08 12.90
N ASP B 156 -0.84 26.48 14.20
CA ASP B 156 -2.04 26.73 14.98
C ASP B 156 -2.83 27.95 14.47
N ASP B 157 -2.26 28.74 13.56
CA ASP B 157 -2.98 29.87 12.95
C ASP B 157 -3.82 29.41 11.74
N ASP B 158 -3.64 28.15 11.30
CA ASP B 158 -4.37 27.63 10.14
C ASP B 158 -5.74 27.03 10.46
N LEU B 159 -6.65 27.16 9.49
CA LEU B 159 -7.98 26.54 9.50
C LEU B 159 -8.00 25.69 8.23
N PHE B 160 -8.25 24.38 8.38
CA PHE B 160 -8.24 23.43 7.29
C PHE B 160 -9.65 22.99 6.95
N VAL B 161 -9.99 22.99 5.65
CA VAL B 161 -11.31 22.54 5.21
C VAL B 161 -11.18 21.58 4.03
N ASP B 162 -11.84 20.39 4.11
CA ASP B 162 -11.96 19.44 3.01
C ASP B 162 -13.38 19.64 2.41
N LEU B 163 -13.45 20.15 1.17
CA LEU B 163 -14.72 20.37 0.43
C LEU B 163 -15.10 19.07 -0.29
N GLY B 164 -16.13 18.39 0.23
CA GLY B 164 -16.57 17.08 -0.27
C GLY B 164 -15.78 16.02 0.46
N SER B 165 -15.91 16.00 1.79
CA SER B 165 -15.10 15.17 2.69
C SER B 165 -15.43 13.67 2.76
N GLY B 166 -16.46 13.21 2.02
CA GLY B 166 -16.84 11.80 2.01
C GLY B 166 -17.26 11.32 3.39
N VAL B 167 -16.59 10.27 3.90
CA VAL B 167 -16.83 9.74 5.25
C VAL B 167 -15.84 10.39 6.28
N GLY B 168 -15.08 11.38 5.83
CA GLY B 168 -14.17 12.18 6.65
C GLY B 168 -12.73 11.71 6.81
N GLN B 169 -12.26 10.78 5.97
CA GLN B 169 -10.92 10.19 6.08
C GLN B 169 -9.74 11.18 6.04
N VAL B 170 -9.79 12.16 5.12
CA VAL B 170 -8.75 13.17 4.96
C VAL B 170 -8.69 14.05 6.22
N VAL B 171 -9.85 14.52 6.70
CA VAL B 171 -10.00 15.35 7.90
C VAL B 171 -9.38 14.63 9.11
N LEU B 172 -9.72 13.34 9.30
CA LEU B 172 -9.20 12.54 10.42
C LEU B 172 -7.69 12.40 10.35
N GLN B 173 -7.16 12.14 9.12
CA GLN B 173 -5.70 11.98 8.94
C GLN B 173 -4.98 13.28 9.25
N VAL B 174 -5.45 14.39 8.67
CA VAL B 174 -4.84 15.72 8.87
C VAL B 174 -4.96 16.16 10.33
N ALA B 175 -6.14 15.98 10.96
CA ALA B 175 -6.33 16.34 12.38
C ALA B 175 -5.42 15.52 13.33
N ALA B 176 -5.15 14.25 12.99
CA ALA B 176 -4.26 13.42 13.81
C ALA B 176 -2.79 13.88 13.67
N ALA B 177 -2.43 14.45 12.51
CA ALA B 177 -1.05 14.85 12.22
C ALA B 177 -0.68 16.31 12.48
N THR B 178 -1.63 17.26 12.38
CA THR B 178 -1.25 18.67 12.46
C THR B 178 -1.78 19.43 13.69
N ASN B 179 -1.31 20.66 13.84
CA ASN B 179 -1.79 21.49 14.94
C ASN B 179 -2.65 22.67 14.45
N CYS B 180 -3.39 22.54 13.30
CA CYS B 180 -4.34 23.58 12.84
C CYS B 180 -5.30 23.84 13.97
N LYS B 181 -5.77 25.08 14.07
CA LYS B 181 -6.74 25.51 15.07
C LYS B 181 -7.98 24.57 15.01
N HIS B 182 -8.46 24.27 13.78
CA HIS B 182 -9.62 23.42 13.54
C HIS B 182 -9.59 22.86 12.12
N HIS B 183 -10.14 21.67 11.94
CA HIS B 183 -10.24 20.95 10.67
C HIS B 183 -11.72 20.70 10.40
N TYR B 184 -12.18 21.04 9.21
CA TYR B 184 -13.57 20.84 8.86
C TYR B 184 -13.69 19.96 7.64
N GLY B 185 -14.73 19.14 7.65
CA GLY B 185 -15.12 18.32 6.53
C GLY B 185 -16.56 18.65 6.23
N VAL B 186 -16.87 18.96 4.95
CA VAL B 186 -18.24 19.23 4.53
C VAL B 186 -18.61 18.23 3.42
N GLU B 187 -19.70 17.49 3.64
CA GLU B 187 -20.17 16.47 2.70
C GLU B 187 -21.67 16.66 2.47
N LYS B 188 -22.10 16.65 1.19
CA LYS B 188 -23.49 16.87 0.80
C LYS B 188 -24.30 15.57 0.76
N ALA B 189 -23.73 14.47 0.24
CA ALA B 189 -24.46 13.22 0.07
C ALA B 189 -24.81 12.54 1.39
N ASP B 190 -26.07 12.16 1.51
CA ASP B 190 -26.74 11.50 2.64
C ASP B 190 -25.95 10.35 3.27
N ILE B 191 -25.66 9.27 2.49
CA ILE B 191 -24.99 8.06 2.95
C ILE B 191 -23.57 8.39 3.49
N PRO B 192 -22.61 9.02 2.75
CA PRO B 192 -21.30 9.30 3.36
C PRO B 192 -21.34 10.22 4.58
N ALA B 193 -22.23 11.25 4.58
CA ALA B 193 -22.39 12.16 5.73
C ALA B 193 -22.89 11.41 6.99
N LYS B 194 -23.78 10.43 6.81
CA LYS B 194 -24.30 9.61 7.91
C LYS B 194 -23.18 8.67 8.42
N TYR B 195 -22.39 8.08 7.50
CA TYR B 195 -21.25 7.23 7.86
C TYR B 195 -20.14 8.05 8.57
N ALA B 196 -19.97 9.35 8.19
CA ALA B 196 -18.99 10.27 8.79
C ALA B 196 -19.26 10.46 10.28
N GLU B 197 -20.54 10.42 10.71
CA GLU B 197 -20.94 10.54 12.12
C GLU B 197 -20.42 9.36 12.93
N THR B 198 -20.46 8.14 12.36
CA THR B 198 -19.92 6.94 12.99
C THR B 198 -18.39 6.98 12.95
N MET B 199 -17.79 7.41 11.80
CA MET B 199 -16.31 7.53 11.67
C MET B 199 -15.78 8.46 12.77
N ASP B 200 -16.47 9.58 13.00
CA ASP B 200 -16.11 10.58 14.02
C ASP B 200 -16.10 9.93 15.44
N ARG B 201 -17.17 9.22 15.81
CA ARG B 201 -17.32 8.53 17.08
C ARG B 201 -16.24 7.44 17.25
N GLU B 202 -16.07 6.57 16.24
CA GLU B 202 -15.06 5.49 16.29
C GLU B 202 -13.65 6.04 16.38
N PHE B 203 -13.36 7.14 15.68
CA PHE B 203 -12.04 7.75 15.69
C PHE B 203 -11.69 8.26 17.08
N ARG B 204 -12.60 9.04 17.70
CA ARG B 204 -12.38 9.57 19.06
C ARG B 204 -12.22 8.45 20.07
N LYS B 205 -13.04 7.39 19.95
CA LYS B 205 -12.99 6.22 20.84
C LYS B 205 -11.65 5.47 20.69
N TRP B 206 -11.25 5.14 19.44
CA TRP B 206 -10.00 4.41 19.20
C TRP B 206 -8.76 5.23 19.57
N MET B 207 -8.75 6.54 19.25
CA MET B 207 -7.61 7.41 19.62
C MET B 207 -7.43 7.45 21.15
N LYS B 208 -8.55 7.49 21.90
CA LYS B 208 -8.54 7.44 23.35
C LYS B 208 -8.02 6.05 23.82
N TRP B 209 -8.43 4.95 23.14
CA TRP B 209 -8.00 3.60 23.47
C TRP B 209 -6.47 3.47 23.35
N TYR B 210 -5.88 4.02 22.25
CA TYR B 210 -4.43 4.00 22.04
C TYR B 210 -3.72 5.03 22.89
N GLY B 211 -4.44 6.03 23.37
CA GLY B 211 -3.89 7.13 24.17
C GLY B 211 -3.21 8.17 23.31
N LYS B 212 -3.78 8.43 22.13
CA LYS B 212 -3.23 9.36 21.14
C LYS B 212 -3.98 10.65 21.02
N LYS B 213 -3.25 11.76 20.82
CA LYS B 213 -3.77 13.10 20.67
C LYS B 213 -4.11 13.38 19.18
N HIS B 214 -5.08 14.28 18.95
CA HIS B 214 -5.47 14.77 17.63
C HIS B 214 -5.94 16.20 17.83
N ALA B 215 -5.87 17.02 16.78
CA ALA B 215 -6.35 18.40 16.80
C ALA B 215 -7.90 18.35 16.75
N GLU B 216 -8.54 19.48 16.99
CA GLU B 216 -9.99 19.56 16.94
C GLU B 216 -10.47 19.48 15.50
N TYR B 217 -11.63 18.85 15.29
CA TYR B 217 -12.20 18.70 13.97
C TYR B 217 -13.72 18.59 14.07
N THR B 218 -14.39 18.88 12.95
CA THR B 218 -15.84 18.79 12.81
C THR B 218 -16.13 18.24 11.44
N LEU B 219 -16.99 17.25 11.37
CA LEU B 219 -17.47 16.69 10.12
C LEU B 219 -18.93 17.08 10.04
N GLU B 220 -19.32 17.74 8.96
CA GLU B 220 -20.69 18.18 8.86
C GLU B 220 -21.32 17.89 7.51
N ARG B 221 -22.65 17.79 7.52
CA ARG B 221 -23.47 17.62 6.32
C ARG B 221 -23.79 19.02 5.82
N GLY B 222 -23.53 19.26 4.54
CA GLY B 222 -23.81 20.56 3.92
C GLY B 222 -23.39 20.63 2.47
N ASP B 223 -23.75 21.73 1.81
CA ASP B 223 -23.44 22.05 0.42
C ASP B 223 -22.40 23.17 0.45
N PHE B 224 -21.15 22.88 0.02
CA PHE B 224 -20.07 23.86 0.06
C PHE B 224 -20.26 25.05 -0.92
N LEU B 225 -21.29 25.00 -1.77
CA LEU B 225 -21.63 26.09 -2.70
C LEU B 225 -22.69 27.05 -2.15
N SER B 226 -23.23 26.77 -0.95
CA SER B 226 -24.26 27.62 -0.30
C SER B 226 -23.69 28.97 0.14
N GLU B 227 -24.58 29.93 0.46
CA GLU B 227 -24.22 31.28 0.90
C GLU B 227 -23.41 31.30 2.19
N GLU B 228 -23.80 30.44 3.16
CA GLU B 228 -23.14 30.28 4.45
C GLU B 228 -21.67 29.86 4.24
N TRP B 229 -21.43 28.94 3.28
CA TRP B 229 -20.10 28.43 2.94
C TRP B 229 -19.21 29.42 2.16
N ARG B 230 -19.81 30.47 1.55
CA ARG B 230 -19.07 31.49 0.82
C ARG B 230 -18.11 32.23 1.76
N GLU B 231 -18.60 32.65 2.93
CA GLU B 231 -17.81 33.35 3.95
C GLU B 231 -16.85 32.40 4.62
N ARG B 232 -17.29 31.14 4.83
CA ARG B 232 -16.46 30.10 5.45
C ARG B 232 -15.22 29.77 4.60
N ILE B 233 -15.38 29.68 3.26
CA ILE B 233 -14.27 29.43 2.32
C ILE B 233 -13.30 30.65 2.35
N ALA B 234 -13.85 31.89 2.33
CA ALA B 234 -13.09 33.14 2.39
C ALA B 234 -12.20 33.23 3.65
N ASN B 235 -12.65 32.64 4.78
CA ASN B 235 -11.89 32.62 6.04
C ASN B 235 -10.97 31.42 6.22
N THR B 236 -10.96 30.50 5.25
CA THR B 236 -10.15 29.28 5.31
C THR B 236 -8.73 29.57 4.85
N SER B 237 -7.73 29.08 5.59
CA SER B 237 -6.35 29.29 5.16
C SER B 237 -5.82 28.13 4.29
N VAL B 238 -6.35 26.90 4.47
CA VAL B 238 -5.97 25.72 3.68
C VAL B 238 -7.22 24.94 3.23
N ILE B 239 -7.51 24.96 1.93
CA ILE B 239 -8.62 24.20 1.34
C ILE B 239 -8.03 22.91 0.73
N PHE B 240 -8.68 21.77 0.96
CA PHE B 240 -8.36 20.49 0.34
C PHE B 240 -9.60 20.17 -0.50
N VAL B 241 -9.40 19.89 -1.78
CA VAL B 241 -10.55 19.56 -2.60
C VAL B 241 -10.16 18.53 -3.68
N ASN B 242 -10.76 17.34 -3.60
CA ASN B 242 -10.55 16.33 -4.63
C ASN B 242 -11.65 16.64 -5.67
N ASN B 243 -11.35 17.58 -6.59
CA ASN B 243 -12.27 18.12 -7.60
C ASN B 243 -12.22 17.40 -8.96
N PHE B 244 -11.44 16.32 -9.08
CA PHE B 244 -11.24 15.62 -10.35
C PHE B 244 -12.54 15.32 -11.13
N ALA B 245 -13.57 14.78 -10.46
CA ALA B 245 -14.83 14.42 -11.12
C ALA B 245 -15.93 15.50 -11.05
N PHE B 246 -15.60 16.72 -10.60
CA PHE B 246 -16.58 17.80 -10.45
C PHE B 246 -17.10 18.36 -11.77
N GLY B 247 -16.21 18.61 -12.72
CA GLY B 247 -16.61 19.17 -14.00
C GLY B 247 -16.66 20.68 -14.04
N PRO B 248 -16.60 21.27 -15.26
CA PRO B 248 -16.52 22.75 -15.40
C PRO B 248 -17.54 23.64 -14.65
N GLU B 249 -18.79 23.21 -14.42
CA GLU B 249 -19.80 24.06 -13.77
C GLU B 249 -19.52 24.31 -12.28
N VAL B 250 -19.23 23.24 -11.51
CA VAL B 250 -18.90 23.30 -10.07
C VAL B 250 -17.54 23.99 -9.92
N ASP B 251 -16.59 23.66 -10.81
CA ASP B 251 -15.25 24.23 -10.89
C ASP B 251 -15.31 25.76 -10.93
N HIS B 252 -16.20 26.29 -11.77
CA HIS B 252 -16.43 27.70 -12.00
C HIS B 252 -16.89 28.40 -10.72
N GLN B 253 -17.86 27.80 -10.02
CA GLN B 253 -18.41 28.29 -8.78
C GLN B 253 -17.35 28.31 -7.67
N LEU B 254 -16.48 27.30 -7.63
CA LEU B 254 -15.39 27.20 -6.66
C LEU B 254 -14.37 28.31 -6.83
N LYS B 255 -13.98 28.61 -8.08
CA LYS B 255 -13.03 29.68 -8.41
C LYS B 255 -13.55 31.03 -7.87
N GLU B 256 -14.88 31.25 -7.94
CA GLU B 256 -15.55 32.43 -7.42
C GLU B 256 -15.39 32.50 -5.89
N ARG B 257 -15.53 31.36 -5.20
CA ARG B 257 -15.38 31.27 -3.74
C ARG B 257 -13.90 31.51 -3.35
N PHE B 258 -12.95 30.90 -4.10
CA PHE B 258 -11.51 31.05 -3.85
C PHE B 258 -11.01 32.48 -4.04
N ALA B 259 -11.68 33.25 -4.92
CA ALA B 259 -11.33 34.63 -5.23
C ALA B 259 -11.51 35.59 -4.04
N ASN B 260 -12.21 35.16 -2.98
CA ASN B 260 -12.43 35.95 -1.76
C ASN B 260 -11.45 35.54 -0.64
N MET B 261 -10.56 34.58 -0.91
CA MET B 261 -9.58 34.13 0.10
C MET B 261 -8.49 35.18 0.34
N LYS B 262 -7.86 35.10 1.51
CA LYS B 262 -6.80 36.02 1.94
C LYS B 262 -5.49 35.72 1.23
N GLU B 263 -4.55 36.71 1.18
CA GLU B 263 -3.20 36.52 0.60
C GLU B 263 -2.57 35.38 1.35
N GLY B 264 -1.89 34.50 0.63
CA GLY B 264 -1.23 33.36 1.25
C GLY B 264 -2.15 32.18 1.51
N GLY B 265 -3.45 32.35 1.26
CA GLY B 265 -4.43 31.26 1.39
C GLY B 265 -4.04 30.17 0.41
N ARG B 266 -4.23 28.90 0.78
CA ARG B 266 -3.79 27.80 -0.07
C ARG B 266 -4.89 26.81 -0.42
N ILE B 267 -4.81 26.24 -1.65
CA ILE B 267 -5.74 25.22 -2.13
C ILE B 267 -4.95 24.03 -2.64
N VAL B 268 -5.26 22.84 -2.11
CA VAL B 268 -4.67 21.57 -2.54
C VAL B 268 -5.78 20.84 -3.32
N SER B 269 -5.51 20.46 -4.58
CA SER B 269 -6.54 19.77 -5.37
C SER B 269 -5.97 18.71 -6.27
N SER B 270 -6.84 17.87 -6.86
CA SER B 270 -6.46 16.79 -7.79
C SER B 270 -6.43 17.24 -9.28
N LYS B 271 -7.03 18.39 -9.59
CA LYS B 271 -7.05 19.00 -10.93
C LYS B 271 -6.83 20.52 -10.70
N PRO B 272 -5.81 21.14 -11.36
CA PRO B 272 -5.56 22.58 -11.12
C PRO B 272 -6.72 23.47 -11.50
N PHE B 273 -6.88 24.57 -10.73
CA PHE B 273 -7.92 25.56 -10.97
C PHE B 273 -7.46 26.62 -11.96
N ALA B 274 -6.16 26.67 -12.23
CA ALA B 274 -5.60 27.60 -13.19
C ALA B 274 -4.47 26.90 -13.95
N PRO B 275 -4.13 27.30 -15.20
CA PRO B 275 -3.03 26.62 -15.89
C PRO B 275 -1.71 26.80 -15.15
N LEU B 276 -0.84 25.81 -15.24
CA LEU B 276 0.47 25.83 -14.59
C LEU B 276 1.41 26.85 -15.24
N ASN B 277 1.15 27.17 -16.52
CA ASN B 277 1.92 28.11 -17.34
C ASN B 277 1.14 29.41 -17.62
N PHE B 278 0.20 29.80 -16.72
CA PHE B 278 -0.62 31.00 -16.87
C PHE B 278 0.23 32.26 -17.08
N ARG B 279 -0.09 33.01 -18.14
CA ARG B 279 0.56 34.25 -18.53
C ARG B 279 -0.50 35.35 -18.62
N ILE B 280 -0.47 36.29 -17.67
CA ILE B 280 -1.43 37.40 -17.61
C ILE B 280 -1.32 38.29 -18.85
N ASN B 281 -2.48 38.63 -19.45
CA ASN B 281 -2.59 39.52 -20.60
C ASN B 281 -3.95 40.23 -20.55
N SER B 282 -4.23 41.13 -21.50
CA SER B 282 -5.50 41.87 -21.56
C SER B 282 -6.76 41.01 -21.80
N ARG B 283 -6.62 39.79 -22.35
CA ARG B 283 -7.74 38.90 -22.67
C ARG B 283 -8.12 37.87 -21.58
N ASN B 284 -7.25 37.67 -20.58
CA ASN B 284 -7.51 36.69 -19.53
C ASN B 284 -7.53 37.29 -18.11
N LEU B 285 -7.71 38.63 -17.99
CA LEU B 285 -7.72 39.36 -16.68
C LEU B 285 -8.75 38.87 -15.69
N SER B 286 -9.79 38.19 -16.21
CA SER B 286 -10.89 37.64 -15.42
C SER B 286 -10.58 36.30 -14.81
N ASP B 287 -9.56 35.62 -15.33
CA ASP B 287 -9.19 34.29 -14.89
C ASP B 287 -8.58 34.25 -13.48
N ILE B 288 -8.85 33.17 -12.75
CA ILE B 288 -8.33 32.96 -11.39
C ILE B 288 -6.78 32.94 -11.36
N GLY B 289 -6.15 32.59 -12.48
CA GLY B 289 -4.69 32.57 -12.61
C GLY B 289 -4.03 33.91 -12.36
N THR B 290 -4.82 35.01 -12.41
CA THR B 290 -4.32 36.37 -12.15
C THR B 290 -4.06 36.60 -10.66
N ILE B 291 -4.63 35.76 -9.78
CA ILE B 291 -4.49 35.98 -8.33
C ILE B 291 -3.96 34.76 -7.57
N MET B 292 -3.42 33.77 -8.28
CA MET B 292 -2.87 32.61 -7.59
C MET B 292 -1.70 31.96 -8.32
N ARG B 293 -0.67 31.53 -7.54
CA ARG B 293 0.47 30.77 -8.03
C ARG B 293 0.01 29.30 -7.96
N VAL B 294 0.35 28.48 -8.97
CA VAL B 294 -0.04 27.07 -9.05
C VAL B 294 1.20 26.24 -9.32
N VAL B 295 1.41 25.17 -8.55
CA VAL B 295 2.51 24.22 -8.74
C VAL B 295 2.00 22.79 -8.64
N GLU B 296 2.60 21.89 -9.43
CA GLU B 296 2.29 20.47 -9.40
C GLU B 296 3.26 19.84 -8.41
N LEU B 297 2.73 19.11 -7.42
CA LEU B 297 3.55 18.42 -6.45
C LEU B 297 3.42 16.91 -6.67
N SER B 298 4.52 16.29 -7.02
CA SER B 298 4.54 14.87 -7.31
C SER B 298 5.58 14.19 -6.44
N PRO B 299 5.18 13.20 -5.62
CA PRO B 299 6.19 12.49 -4.82
C PRO B 299 7.23 11.75 -5.66
N LEU B 300 6.92 11.44 -6.93
CA LEU B 300 7.91 10.82 -7.82
C LEU B 300 9.09 11.76 -8.08
N LYS B 301 8.85 13.09 -8.02
CA LYS B 301 9.90 14.12 -8.17
C LYS B 301 10.26 14.65 -6.78
N SER B 305 12.24 7.73 -2.69
CA SER B 305 11.43 7.30 -1.56
C SER B 305 10.08 6.67 -2.02
N TRP B 306 9.37 7.35 -2.92
CA TRP B 306 8.06 6.95 -3.43
C TRP B 306 8.10 5.82 -4.46
N THR B 307 7.39 4.73 -4.18
CA THR B 307 7.31 3.61 -5.11
C THR B 307 5.85 3.24 -5.39
N GLY B 308 4.92 4.11 -5.00
CA GLY B 308 3.50 3.90 -5.24
C GLY B 308 3.08 4.32 -6.63
N LYS B 309 1.79 4.58 -6.81
CA LYS B 309 1.21 5.00 -8.09
C LYS B 309 1.76 6.36 -8.55
N PRO B 310 1.90 6.57 -9.88
CA PRO B 310 2.42 7.86 -10.37
C PRO B 310 1.32 8.94 -10.29
N VAL B 311 1.19 9.54 -9.12
CA VAL B 311 0.12 10.48 -8.82
C VAL B 311 0.67 11.87 -8.45
N SER B 312 -0.19 12.90 -8.57
CA SER B 312 0.17 14.28 -8.26
C SER B 312 -0.98 15.00 -7.61
N TYR B 313 -0.67 16.12 -6.96
CA TYR B 313 -1.67 17.06 -6.49
C TYR B 313 -1.19 18.47 -6.85
N TYR B 314 -2.07 19.44 -6.74
CA TYR B 314 -1.80 20.82 -7.14
C TYR B 314 -1.93 21.75 -5.99
N LEU B 315 -0.88 22.55 -5.76
CA LEU B 315 -0.87 23.53 -4.69
C LEU B 315 -1.04 24.94 -5.30
N HIS B 316 -2.14 25.62 -4.91
CA HIS B 316 -2.48 26.97 -5.32
C HIS B 316 -2.28 27.88 -4.12
N THR B 317 -1.64 29.03 -4.34
CA THR B 317 -1.40 29.99 -3.27
C THR B 317 -1.92 31.34 -3.74
N ILE B 318 -2.84 31.94 -2.95
CA ILE B 318 -3.40 33.26 -3.27
C ILE B 318 -2.28 34.29 -3.24
N ASP B 319 -2.09 34.96 -4.39
CA ASP B 319 -1.07 35.98 -4.59
C ASP B 319 -1.55 37.07 -5.57
N ARG B 320 -2.11 38.16 -4.99
CA ARG B 320 -2.65 39.28 -5.76
C ARG B 320 -1.57 40.18 -6.35
N THR B 321 -0.26 39.94 -6.05
CA THR B 321 0.83 40.70 -6.66
C THR B 321 0.96 40.39 -8.15
N ILE B 322 0.43 39.22 -8.61
CA ILE B 322 0.44 38.85 -10.04
C ILE B 322 -0.38 39.92 -10.83
N LEU B 323 -1.59 40.22 -10.33
CA LEU B 323 -2.49 41.20 -10.90
C LEU B 323 -1.93 42.61 -10.73
N GLU B 324 -1.38 42.94 -9.52
CA GLU B 324 -0.80 44.24 -9.16
C GLU B 324 0.34 44.67 -10.09
N ASN B 325 1.26 43.73 -10.42
CA ASN B 325 2.41 43.96 -11.31
C ASN B 325 1.98 44.20 -12.75
N TYR B 326 0.93 43.49 -13.22
CA TYR B 326 0.40 43.68 -14.57
C TYR B 326 -0.09 45.13 -14.74
N PHE B 327 -0.85 45.65 -13.74
CA PHE B 327 -1.35 47.03 -13.77
C PHE B 327 -0.22 48.07 -13.72
N SER B 328 0.83 47.83 -12.91
CA SER B 328 1.98 48.74 -12.84
C SER B 328 2.72 48.82 -14.17
N SER B 329 2.87 47.66 -14.88
CA SER B 329 3.52 47.59 -16.20
C SER B 329 2.69 48.29 -17.30
N LEU B 330 1.36 48.43 -17.09
CA LEU B 330 0.45 49.08 -18.02
C LEU B 330 0.47 50.60 -17.84
N LYS B 331 0.67 51.06 -16.58
CA LYS B 331 0.74 52.46 -16.18
C LYS B 331 2.14 53.05 -16.50
N ASN B 332 3.09 52.19 -16.93
CA ASN B 332 4.47 52.53 -17.30
C ASN B 332 4.80 51.93 -18.66
#